data_7M7X
#
_entry.id   7M7X
#
_entity_poly.entity_id   1
_entity_poly.type   'polypeptide(L)'
_entity_poly.pdbx_seq_one_letter_code
;(ACE)VCSELCW(NH2)
;
_entity_poly.pdbx_strand_id   A
#
loop_
_chem_comp.id
_chem_comp.type
_chem_comp.name
_chem_comp.formula
ACE non-polymer 'ACETYL GROUP' 'C2 H4 O'
NH2 non-polymer 'AMINO GROUP' 'H2 N'
#
# COMPACT_ATOMS: atom_id res chain seq x y z
C ACE A 1 -4.11 7.91 -0.62
O ACE A 1 -5.35 7.80 -0.64
CH3 ACE A 1 -3.46 9.22 -0.27
H1 ACE A 1 -3.95 9.59 0.62
H2 ACE A 1 -3.61 9.92 -1.07
H3 ACE A 1 -2.41 9.04 -0.13
N VAL A 2 -3.29 6.92 -0.92
CA VAL A 2 -3.74 5.58 -1.24
C VAL A 2 -2.56 4.63 -1.22
N CYS A 3 -2.59 3.75 -0.32
CA CYS A 3 -1.53 2.81 -0.18
C CYS A 3 -2.04 1.44 0.14
N SER A 4 -1.83 0.52 -0.76
CA SER A 4 -2.14 -0.83 -0.50
C SER A 4 -0.85 -1.65 -0.64
N GLU A 5 -0.34 -1.68 -1.84
CA GLU A 5 0.84 -2.46 -2.20
C GLU A 5 2.04 -2.06 -1.39
N LEU A 6 2.18 -0.76 -1.19
CA LEU A 6 3.34 -0.21 -0.49
C LEU A 6 3.13 -0.26 1.02
N CYS A 7 2.06 -0.85 1.41
CA CYS A 7 1.72 -1.00 2.80
C CYS A 7 1.54 -2.45 3.17
N TRP A 8 1.66 -3.28 2.21
CA TRP A 8 1.55 -4.71 2.39
C TRP A 8 2.73 -5.39 1.69
N NH2 A 9 3.82 -5.52 2.39
HN1 NH2 A 9 3.81 -5.20 3.33
HN2 NH2 A 9 4.60 -5.93 1.96
C ACE A 1 -3.69 6.05 0.90
O ACE A 1 -4.09 4.89 1.12
CH3 ACE A 1 -3.31 6.95 2.03
H1 ACE A 1 -4.13 7.63 2.21
H2 ACE A 1 -2.43 7.53 1.77
H3 ACE A 1 -3.09 6.34 2.89
N VAL A 2 -3.51 6.52 -0.32
CA VAL A 2 -3.89 5.76 -1.49
C VAL A 2 -2.71 4.89 -1.94
N CYS A 3 -2.34 4.04 -1.05
CA CYS A 3 -1.28 3.10 -1.28
C CYS A 3 -1.67 1.78 -0.63
N SER A 4 -1.78 0.75 -1.40
CA SER A 4 -2.05 -0.53 -0.85
C SER A 4 -0.82 -1.43 -0.97
N GLU A 5 -0.39 -1.58 -2.19
CA GLU A 5 0.70 -2.45 -2.61
C GLU A 5 1.89 -2.52 -1.65
N LEU A 6 2.57 -1.42 -1.46
CA LEU A 6 3.75 -1.38 -0.61
C LEU A 6 3.45 -0.80 0.75
N CYS A 7 2.21 -0.64 1.05
CA CYS A 7 1.81 -0.10 2.34
C CYS A 7 1.30 -1.20 3.24
N TRP A 8 1.28 -2.37 2.68
CA TRP A 8 0.87 -3.56 3.40
C TRP A 8 1.90 -4.66 3.15
N NH2 A 9 2.93 -4.67 3.95
HN1 NH2 A 9 2.96 -4.00 4.67
HN2 NH2 A 9 3.63 -5.33 3.80
C ACE A 1 -3.50 7.11 0.23
O ACE A 1 -3.51 6.60 1.36
CH3 ACE A 1 -3.04 8.51 0.03
H1 ACE A 1 -2.51 8.56 -0.91
H2 ACE A 1 -2.36 8.80 0.83
H3 ACE A 1 -3.90 9.16 0.06
N VAL A 2 -3.86 6.45 -0.85
CA VAL A 2 -4.31 5.09 -0.80
C VAL A 2 -3.17 4.14 -1.15
N CYS A 3 -2.32 3.96 -0.21
CA CYS A 3 -1.16 3.12 -0.36
C CYS A 3 -1.56 1.68 -0.08
N SER A 4 -1.56 0.87 -1.10
CA SER A 4 -1.95 -0.49 -0.95
C SER A 4 -0.74 -1.42 -1.02
N GLU A 5 -0.21 -1.59 -2.21
CA GLU A 5 0.90 -2.49 -2.47
C GLU A 5 2.15 -2.15 -1.71
N LEU A 6 2.33 -0.89 -1.44
CA LEU A 6 3.52 -0.45 -0.71
C LEU A 6 3.26 -0.34 0.76
N CYS A 7 2.13 -0.78 1.19
CA CYS A 7 1.79 -0.69 2.58
C CYS A 7 1.36 -2.00 3.19
N TRP A 8 1.22 -2.98 2.38
CA TRP A 8 0.89 -4.31 2.87
C TRP A 8 2.12 -5.18 2.91
N NH2 A 9 2.46 -5.78 1.80
HN1 NH2 A 9 1.89 -5.65 1.00
HN2 NH2 A 9 3.27 -6.33 1.81
C ACE A 1 -4.21 7.10 0.33
O ACE A 1 -4.93 6.35 0.97
CH3 ACE A 1 -3.85 8.46 0.85
H1 ACE A 1 -3.30 8.33 1.78
H2 ACE A 1 -4.75 9.03 1.06
H3 ACE A 1 -3.27 8.98 0.10
N VAL A 2 -3.69 6.78 -0.85
CA VAL A 2 -3.96 5.51 -1.48
C VAL A 2 -2.69 4.68 -1.67
N CYS A 3 -2.38 3.94 -0.66
CA CYS A 3 -1.25 3.05 -0.69
C CYS A 3 -1.63 1.72 -0.10
N SER A 4 -1.69 0.73 -0.92
CA SER A 4 -1.94 -0.59 -0.45
C SER A 4 -0.73 -1.44 -0.82
N GLU A 5 -0.31 -1.25 -2.06
CA GLU A 5 0.75 -1.97 -2.74
C GLU A 5 1.97 -2.25 -1.88
N LEU A 6 2.64 -1.21 -1.42
CA LEU A 6 3.82 -1.39 -0.60
C LEU A 6 3.54 -1.04 0.83
N CYS A 7 2.29 -0.95 1.16
CA CYS A 7 1.88 -0.60 2.50
C CYS A 7 1.30 -1.79 3.23
N TRP A 8 1.39 -2.90 2.59
CA TRP A 8 1.00 -4.19 3.12
C TRP A 8 2.06 -5.21 2.80
N NH2 A 9 2.94 -5.44 3.72
HN1 NH2 A 9 2.85 -4.98 4.59
HN2 NH2 A 9 3.68 -6.07 3.54
C ACE A 1 -3.02 6.40 1.00
O ACE A 1 -3.14 5.36 1.66
CH3 ACE A 1 -2.24 7.56 1.53
H1 ACE A 1 -1.41 7.74 0.86
H2 ACE A 1 -1.84 7.31 2.51
H3 ACE A 1 -2.90 8.40 1.62
N VAL A 2 -3.54 6.54 -0.19
CA VAL A 2 -4.29 5.49 -0.84
C VAL A 2 -3.31 4.62 -1.59
N CYS A 3 -2.71 3.78 -0.87
CA CYS A 3 -1.72 2.88 -1.34
C CYS A 3 -2.01 1.50 -0.77
N SER A 4 -1.66 0.48 -1.50
CA SER A 4 -1.91 -0.84 -1.04
C SER A 4 -0.63 -1.66 -1.07
N GLU A 5 -0.17 -1.94 -2.25
CA GLU A 5 0.99 -2.79 -2.52
C GLU A 5 2.22 -2.47 -1.67
N LEU A 6 2.52 -1.19 -1.50
CA LEU A 6 3.70 -0.80 -0.73
C LEU A 6 3.34 -0.32 0.67
N CYS A 7 2.11 -0.49 1.03
CA CYS A 7 1.64 -0.02 2.32
C CYS A 7 1.11 -1.15 3.19
N TRP A 8 1.17 -2.31 2.66
CA TRP A 8 0.80 -3.52 3.35
C TRP A 8 1.92 -4.53 3.19
N NH2 A 9 2.89 -4.46 4.05
HN1 NH2 A 9 2.83 -3.78 4.75
HN2 NH2 A 9 3.64 -5.07 3.95
C ACE A 1 -3.76 6.63 0.71
O ACE A 1 -4.26 5.65 1.27
CH3 ACE A 1 -3.28 7.83 1.48
H1 ACE A 1 -2.22 7.93 1.35
H2 ACE A 1 -3.48 7.69 2.54
H3 ACE A 1 -3.83 8.69 1.14
N VAL A 2 -3.58 6.68 -0.60
CA VAL A 2 -4.01 5.60 -1.45
C VAL A 2 -2.86 4.66 -1.80
N CYS A 3 -2.50 3.88 -0.85
CA CYS A 3 -1.39 2.97 -0.98
C CYS A 3 -1.71 1.66 -0.35
N SER A 4 -1.76 0.64 -1.16
CA SER A 4 -1.99 -0.67 -0.68
C SER A 4 -0.72 -1.51 -0.86
N GLU A 5 -0.30 -1.62 -2.11
CA GLU A 5 0.85 -2.43 -2.54
C GLU A 5 2.06 -2.37 -1.63
N LEU A 6 2.65 -1.19 -1.50
CA LEU A 6 3.86 -1.05 -0.69
C LEU A 6 3.51 -0.59 0.71
N CYS A 7 2.30 -0.77 1.09
CA CYS A 7 1.86 -0.33 2.39
C CYS A 7 1.23 -1.45 3.17
N TRP A 8 1.28 -2.60 2.61
CA TRP A 8 0.80 -3.82 3.24
C TRP A 8 1.76 -4.94 2.89
N NH2 A 9 2.80 -5.09 3.67
HN1 NH2 A 9 2.89 -4.49 4.43
HN2 NH2 A 9 3.46 -5.79 3.44
C ACE A 1 -3.62 5.34 1.41
O ACE A 1 -4.48 4.45 1.34
CH3 ACE A 1 -2.93 5.65 2.71
H1 ACE A 1 -2.05 5.02 2.78
H2 ACE A 1 -3.58 5.43 3.54
H3 ACE A 1 -2.69 6.71 2.72
N VAL A 2 -3.22 6.03 0.36
CA VAL A 2 -3.80 5.81 -0.98
C VAL A 2 -2.99 4.79 -1.73
N CYS A 3 -2.16 4.19 -1.01
CA CYS A 3 -1.26 3.18 -1.47
C CYS A 3 -1.76 1.82 -1.04
N SER A 4 -1.44 0.82 -1.79
CA SER A 4 -1.86 -0.51 -1.49
C SER A 4 -0.69 -1.47 -1.52
N GLU A 5 -0.21 -1.76 -2.71
CA GLU A 5 0.85 -2.72 -2.96
C GLU A 5 2.09 -2.53 -2.09
N LEU A 6 2.58 -1.31 -2.00
CA LEU A 6 3.82 -1.04 -1.27
C LEU A 6 3.55 -0.58 0.15
N CYS A 7 2.35 -0.83 0.62
CA CYS A 7 1.96 -0.47 1.94
C CYS A 7 1.35 -1.69 2.63
N TRP A 8 0.68 -1.46 3.76
CA TRP A 8 0.02 -2.48 4.54
C TRP A 8 0.99 -3.55 5.02
N NH2 A 9 1.73 -3.25 6.04
HN1 NH2 A 9 1.61 -2.36 6.45
HN2 NH2 A 9 2.37 -3.92 6.37
C ACE A 1 -3.26 7.00 -0.02
O ACE A 1 -2.85 6.45 1.01
CH3 ACE A 1 -2.94 8.43 -0.30
H1 ACE A 1 -2.81 8.54 -1.37
H2 ACE A 1 -2.02 8.71 0.20
H3 ACE A 1 -3.75 9.03 0.09
N VAL A 2 -3.96 6.37 -0.95
CA VAL A 2 -4.37 5.00 -0.80
C VAL A 2 -3.21 4.08 -1.14
N CYS A 3 -2.37 3.96 -0.19
CA CYS A 3 -1.22 3.11 -0.26
C CYS A 3 -1.62 1.70 0.06
N SER A 4 -1.66 0.88 -0.93
CA SER A 4 -2.01 -0.47 -0.75
C SER A 4 -0.76 -1.35 -0.88
N GLU A 5 -0.25 -1.43 -2.08
CA GLU A 5 0.86 -2.31 -2.42
C GLU A 5 2.12 -2.04 -1.58
N LEU A 6 2.42 -0.78 -1.35
CA LEU A 6 3.62 -0.41 -0.58
C LEU A 6 3.37 -0.39 0.91
N CYS A 7 2.20 -0.74 1.29
CA CYS A 7 1.82 -0.71 2.68
C CYS A 7 1.30 -2.04 3.17
N TRP A 8 1.32 -2.99 2.31
CA TRP A 8 0.91 -4.34 2.63
C TRP A 8 2.01 -5.32 2.24
N NH2 A 9 2.96 -5.52 3.11
HN1 NH2 A 9 2.90 -5.02 3.96
HN2 NH2 A 9 3.69 -6.13 2.89
C ACE A 1 -3.92 7.27 -0.10
O ACE A 1 -4.69 6.71 0.69
CH3 ACE A 1 -3.44 8.66 0.14
H1 ACE A 1 -2.79 8.65 0.99
H2 ACE A 1 -4.28 9.30 0.36
H3 ACE A 1 -2.96 9.02 -0.75
N VAL A 2 -3.48 6.68 -1.20
CA VAL A 2 -3.89 5.33 -1.52
C VAL A 2 -2.71 4.35 -1.48
N CYS A 3 -2.29 4.05 -0.29
CA CYS A 3 -1.20 3.13 -0.11
C CYS A 3 -1.73 1.75 0.14
N SER A 4 -1.73 0.97 -0.90
CA SER A 4 -2.21 -0.37 -0.81
C SER A 4 -1.03 -1.33 -0.84
N GLU A 5 -0.47 -1.50 -2.03
CA GLU A 5 0.65 -2.41 -2.28
C GLU A 5 1.85 -2.11 -1.42
N LEU A 6 2.12 -0.84 -1.23
CA LEU A 6 3.30 -0.44 -0.49
C LEU A 6 3.10 -0.48 1.00
N CYS A 7 1.94 -0.86 1.39
CA CYS A 7 1.63 -0.94 2.79
C CYS A 7 1.49 -2.36 3.27
N TRP A 8 1.71 -3.28 2.37
CA TRP A 8 1.70 -4.69 2.69
C TRP A 8 2.90 -5.40 2.01
N NH2 A 9 3.02 -5.27 0.71
HN1 NH2 A 9 2.35 -4.74 0.23
HN2 NH2 A 9 3.77 -5.71 0.26
C ACE A 1 -3.11 7.07 0.25
O ACE A 1 -2.43 6.62 1.19
CH3 ACE A 1 -2.88 8.47 -0.25
H1 ACE A 1 -3.53 9.13 0.30
H2 ACE A 1 -3.14 8.53 -1.29
H3 ACE A 1 -1.83 8.71 -0.14
N VAL A 2 -4.01 6.35 -0.38
CA VAL A 2 -4.32 5.01 0.02
C VAL A 2 -3.45 4.08 -0.75
N CYS A 3 -2.30 3.90 -0.24
CA CYS A 3 -1.30 3.02 -0.79
C CYS A 3 -1.63 1.57 -0.48
N SER A 4 -1.60 0.72 -1.47
CA SER A 4 -1.92 -0.66 -1.27
C SER A 4 -0.67 -1.51 -1.05
N GLU A 5 -0.06 -1.93 -2.12
CA GLU A 5 1.07 -2.87 -2.10
C GLU A 5 2.27 -2.35 -1.34
N LEU A 6 2.51 -1.05 -1.40
CA LEU A 6 3.67 -0.46 -0.72
C LEU A 6 3.39 -0.19 0.75
N CYS A 7 2.23 -0.56 1.18
CA CYS A 7 1.83 -0.34 2.54
C CYS A 7 1.20 -1.58 3.16
N TRP A 8 1.20 -2.61 2.41
CA TRP A 8 0.63 -3.89 2.80
C TRP A 8 1.52 -5.01 2.30
N NH2 A 9 2.42 -5.45 3.16
HN1 NH2 A 9 2.44 -5.05 4.05
HN2 NH2 A 9 3.04 -6.15 2.86
C ACE A 1 -3.76 7.42 0.03
O ACE A 1 -3.76 7.33 1.27
CH3 ACE A 1 -3.53 8.74 -0.63
H1 ACE A 1 -2.68 8.64 -1.30
H2 ACE A 1 -3.33 9.50 0.09
H3 ACE A 1 -4.44 8.99 -1.18
N VAL A 2 -3.92 6.39 -0.75
CA VAL A 2 -4.15 5.06 -0.25
C VAL A 2 -3.13 4.07 -0.80
N CYS A 3 -2.05 3.96 -0.08
CA CYS A 3 -1.00 3.03 -0.44
C CYS A 3 -1.45 1.62 -0.10
N SER A 4 -1.51 0.81 -1.09
CA SER A 4 -1.92 -0.54 -0.95
C SER A 4 -0.71 -1.46 -0.94
N GLU A 5 -0.15 -1.65 -2.11
CA GLU A 5 0.96 -2.56 -2.35
C GLU A 5 2.16 -2.22 -1.50
N LEU A 6 2.49 -0.95 -1.42
CA LEU A 6 3.67 -0.53 -0.68
C LEU A 6 3.39 -0.33 0.80
N CYS A 7 2.23 -0.75 1.23
CA CYS A 7 1.85 -0.63 2.61
C CYS A 7 1.27 -1.90 3.17
N TRP A 8 1.24 -2.90 2.36
CA TRP A 8 0.70 -4.19 2.73
C TRP A 8 1.60 -5.29 2.25
N NH2 A 9 2.41 -5.78 3.12
HN1 NH2 A 9 2.35 -5.43 4.04
HN2 NH2 A 9 3.04 -6.48 2.86
C ACE A 1 -4.19 7.52 -0.21
O ACE A 1 -5.00 7.31 0.68
CH3 ACE A 1 -3.68 8.91 -0.48
H1 ACE A 1 -4.45 9.61 -0.17
H2 ACE A 1 -3.49 9.05 -1.54
H3 ACE A 1 -2.75 9.05 0.06
N VAL A 2 -3.72 6.57 -1.01
CA VAL A 2 -4.10 5.18 -0.90
C VAL A 2 -2.87 4.27 -1.11
N CYS A 3 -2.29 3.86 -0.05
CA CYS A 3 -1.13 3.02 -0.10
C CYS A 3 -1.50 1.60 0.28
N SER A 4 -1.62 0.78 -0.70
CA SER A 4 -1.86 -0.60 -0.48
C SER A 4 -0.66 -1.42 -0.94
N GLU A 5 -0.25 -1.15 -2.16
CA GLU A 5 0.82 -1.86 -2.85
C GLU A 5 2.13 -1.91 -2.07
N LEU A 6 2.46 -0.81 -1.43
CA LEU A 6 3.70 -0.75 -0.68
C LEU A 6 3.44 -0.66 0.81
N CYS A 7 2.25 -1.02 1.22
CA CYS A 7 1.88 -0.90 2.60
C CYS A 7 1.29 -2.16 3.19
N TRP A 8 1.36 -3.21 2.47
CA TRP A 8 0.87 -4.50 2.93
C TRP A 8 1.93 -5.56 2.76
N NH2 A 9 1.89 -6.28 1.66
HN1 NH2 A 9 1.17 -6.14 1.02
HN2 NH2 A 9 2.62 -6.92 1.51
C ACE A 1 -3.78 6.71 0.50
O ACE A 1 -4.14 5.83 1.30
CH3 ACE A 1 -3.41 8.09 0.98
H1 ACE A 1 -3.13 8.02 2.02
H2 ACE A 1 -4.25 8.75 0.89
H3 ACE A 1 -2.61 8.46 0.36
N VAL A 2 -3.70 6.49 -0.79
CA VAL A 2 -4.04 5.21 -1.35
C VAL A 2 -2.76 4.42 -1.56
N CYS A 3 -2.32 3.86 -0.52
CA CYS A 3 -1.13 3.05 -0.53
C CYS A 3 -1.49 1.66 -0.07
N SER A 4 -1.62 0.79 -1.00
CA SER A 4 -1.93 -0.56 -0.70
C SER A 4 -0.71 -1.43 -0.96
N GLU A 5 -0.31 -1.43 -2.20
CA GLU A 5 0.78 -2.22 -2.74
C GLU A 5 2.09 -2.10 -1.95
N LEU A 6 2.49 -0.91 -1.60
CA LEU A 6 3.73 -0.74 -0.86
C LEU A 6 3.45 -0.49 0.60
N CYS A 7 2.27 -0.85 1.05
CA CYS A 7 1.90 -0.63 2.42
C CYS A 7 1.26 -1.83 3.09
N TRP A 8 1.21 -2.92 2.40
CA TRP A 8 0.66 -4.12 3.00
C TRP A 8 1.69 -4.85 3.84
N NH2 A 9 1.54 -4.75 5.13
HN1 NH2 A 9 0.76 -4.27 5.47
HN2 NH2 A 9 2.23 -5.15 5.71
C ACE A 1 -4.15 7.46 0.00
O ACE A 1 -4.98 7.02 0.81
CH3 ACE A 1 -3.67 8.88 0.09
H1 ACE A 1 -2.65 8.87 0.46
H2 ACE A 1 -4.28 9.43 0.78
H3 ACE A 1 -3.75 9.32 -0.88
N VAL A 2 -3.64 6.73 -0.96
CA VAL A 2 -4.04 5.36 -1.19
C VAL A 2 -2.82 4.45 -1.36
N CYS A 3 -2.35 3.93 -0.27
CA CYS A 3 -1.22 3.04 -0.29
C CYS A 3 -1.65 1.63 0.09
N SER A 4 -1.61 0.74 -0.85
CA SER A 4 -1.95 -0.61 -0.61
C SER A 4 -0.72 -1.49 -0.84
N GLU A 5 -0.26 -1.52 -2.09
CA GLU A 5 0.83 -2.38 -2.52
C GLU A 5 2.09 -2.20 -1.68
N LEU A 6 2.44 -0.97 -1.39
CA LEU A 6 3.66 -0.69 -0.65
C LEU A 6 3.43 -0.64 0.85
N CYS A 7 2.23 -0.86 1.25
CA CYS A 7 1.87 -0.78 2.65
C CYS A 7 1.40 -2.10 3.22
N TRP A 8 1.31 -3.05 2.37
CA TRP A 8 0.97 -4.40 2.77
C TRP A 8 2.14 -5.31 2.47
N NH2 A 9 2.22 -5.80 1.25
HN1 NH2 A 9 1.51 -5.57 0.61
HN2 NH2 A 9 2.99 -6.37 1.03
C ACE A 1 -4.02 6.52 0.17
O ACE A 1 -4.73 5.62 0.62
CH3 ACE A 1 -3.69 7.73 1.00
H1 ACE A 1 -4.48 8.45 0.88
H2 ACE A 1 -2.76 8.17 0.66
H3 ACE A 1 -3.57 7.41 2.02
N VAL A 2 -3.48 6.47 -1.03
CA VAL A 2 -3.75 5.37 -1.97
C VAL A 2 -2.60 4.33 -1.84
N CYS A 3 -2.09 4.21 -0.66
CA CYS A 3 -1.04 3.28 -0.38
C CYS A 3 -1.63 1.99 0.11
N SER A 4 -1.51 0.99 -0.69
CA SER A 4 -1.97 -0.29 -0.36
C SER A 4 -0.87 -1.30 -0.66
N GLU A 5 -0.46 -1.32 -1.91
CA GLU A 5 0.53 -2.28 -2.40
C GLU A 5 1.88 -2.14 -1.66
N LEU A 6 2.28 -0.91 -1.37
CA LEU A 6 3.53 -0.70 -0.64
C LEU A 6 3.30 -0.57 0.85
N CYS A 7 2.08 -0.77 1.24
CA CYS A 7 1.70 -0.68 2.64
C CYS A 7 1.31 -2.03 3.20
N TRP A 8 1.41 -3.01 2.37
CA TRP A 8 1.13 -4.39 2.75
C TRP A 8 2.27 -5.28 2.31
N NH2 A 9 2.32 -5.58 1.02
HN1 NH2 A 9 1.63 -5.22 0.45
HN2 NH2 A 9 3.05 -6.15 0.71
C ACE A 1 -3.80 7.37 -0.48
O ACE A 1 -3.75 7.60 0.74
CH3 ACE A 1 -3.59 8.46 -1.48
H1 ACE A 1 -2.74 8.21 -2.09
H2 ACE A 1 -3.39 9.40 -0.99
H3 ACE A 1 -4.50 8.56 -2.07
N VAL A 2 -4.01 6.17 -0.96
CA VAL A 2 -4.21 5.02 -0.12
C VAL A 2 -3.17 3.95 -0.44
N CYS A 3 -2.06 4.04 0.26
CA CYS A 3 -0.94 3.15 0.10
C CYS A 3 -1.38 1.72 0.31
N SER A 4 -1.47 0.99 -0.75
CA SER A 4 -1.86 -0.36 -0.69
C SER A 4 -0.67 -1.23 -1.01
N GLU A 5 -0.18 -1.10 -2.23
CA GLU A 5 0.89 -1.95 -2.76
C GLU A 5 2.18 -1.82 -1.97
N LEU A 6 2.46 -0.67 -1.43
CA LEU A 6 3.70 -0.49 -0.69
C LEU A 6 3.46 -0.58 0.81
N CYS A 7 2.31 -0.98 1.20
CA CYS A 7 1.96 -1.00 2.59
C CYS A 7 1.26 -2.25 3.06
N TRP A 8 1.22 -3.23 2.24
CA TRP A 8 0.58 -4.48 2.60
C TRP A 8 1.64 -5.53 2.93
N NH2 A 9 1.84 -5.79 4.19
HN1 NH2 A 9 1.23 -5.37 4.84
HN2 NH2 A 9 2.57 -6.39 4.43
C ACE A 1 -4.67 7.74 -0.33
O ACE A 1 -5.45 7.69 0.65
CH3 ACE A 1 -4.52 9.00 -1.11
H1 ACE A 1 -5.49 9.48 -1.20
H2 ACE A 1 -4.15 8.78 -2.10
H3 ACE A 1 -3.79 9.63 -0.60
N VAL A 2 -3.95 6.73 -0.73
CA VAL A 2 -3.99 5.43 -0.09
C VAL A 2 -2.91 4.52 -0.66
N CYS A 3 -1.98 4.20 0.16
CA CYS A 3 -0.92 3.30 -0.24
C CYS A 3 -1.41 1.87 -0.01
N SER A 4 -1.22 1.03 -0.97
CA SER A 4 -1.72 -0.29 -0.90
C SER A 4 -0.61 -1.33 -1.04
N GLU A 5 -0.13 -1.47 -2.25
CA GLU A 5 0.87 -2.46 -2.66
C GLU A 5 2.08 -2.49 -1.72
N LEU A 6 2.59 -1.34 -1.43
CA LEU A 6 3.80 -1.22 -0.64
C LEU A 6 3.50 -0.86 0.79
N CYS A 7 2.28 -1.08 1.20
CA CYS A 7 1.87 -0.85 2.57
C CYS A 7 1.25 -2.09 3.18
N TRP A 8 1.34 -3.16 2.47
CA TRP A 8 0.87 -4.46 2.93
C TRP A 8 1.89 -5.52 2.56
N NH2 A 9 2.79 -5.80 3.45
HN1 NH2 A 9 2.73 -5.35 4.32
HN2 NH2 A 9 3.49 -6.46 3.24
C ACE A 1 -3.74 7.75 -0.83
O ACE A 1 -4.23 7.95 0.29
CH3 ACE A 1 -3.23 8.88 -1.67
H1 ACE A 1 -3.82 8.93 -2.58
H2 ACE A 1 -2.19 8.69 -1.94
H3 ACE A 1 -3.27 9.78 -1.09
N VAL A 2 -3.64 6.55 -1.36
CA VAL A 2 -4.09 5.36 -0.69
C VAL A 2 -3.01 4.32 -0.76
N CYS A 3 -2.36 4.13 0.33
CA CYS A 3 -1.34 3.13 0.43
C CYS A 3 -1.97 1.75 0.48
N SER A 4 -1.67 0.97 -0.52
CA SER A 4 -2.13 -0.37 -0.59
C SER A 4 -0.94 -1.30 -0.87
N GLU A 5 -0.39 -1.17 -2.06
CA GLU A 5 0.75 -1.97 -2.52
C GLU A 5 1.95 -1.80 -1.61
N LEU A 6 2.19 -0.58 -1.19
CA LEU A 6 3.34 -0.29 -0.35
C LEU A 6 3.01 -0.49 1.12
N CYS A 7 1.89 -1.12 1.37
CA CYS A 7 1.44 -1.39 2.72
C CYS A 7 1.35 -2.86 3.02
N TRP A 8 1.76 -3.66 2.09
CA TRP A 8 1.83 -5.08 2.31
C TRP A 8 3.27 -5.55 2.21
N NH2 A 9 3.80 -6.02 3.30
HN1 NH2 A 9 3.21 -6.15 4.08
HN2 NH2 A 9 4.75 -6.23 3.29
C ACE A 1 -4.54 5.84 0.30
O ACE A 1 -5.42 5.19 -0.25
CH3 ACE A 1 -4.69 6.29 1.73
H1 ACE A 1 -4.79 5.41 2.35
H2 ACE A 1 -5.58 6.89 1.84
H3 ACE A 1 -3.83 6.89 2.00
N VAL A 2 -3.41 6.16 -0.31
CA VAL A 2 -3.18 5.80 -1.72
C VAL A 2 -1.97 4.85 -1.81
N CYS A 3 -1.70 4.22 -0.72
CA CYS A 3 -0.62 3.27 -0.66
C CYS A 3 -1.10 1.96 -0.07
N SER A 4 -1.36 1.02 -0.92
CA SER A 4 -1.78 -0.27 -0.50
C SER A 4 -0.72 -1.28 -0.87
N GLU A 5 -0.41 -1.32 -2.15
CA GLU A 5 0.50 -2.32 -2.74
C GLU A 5 1.91 -2.27 -2.16
N LEU A 6 2.31 -1.12 -1.67
CA LEU A 6 3.62 -1.01 -1.06
C LEU A 6 3.52 -0.72 0.43
N CYS A 7 2.33 -0.84 0.96
CA CYS A 7 2.09 -0.51 2.35
C CYS A 7 1.21 -1.53 3.08
N TRP A 8 1.04 -2.67 2.50
CA TRP A 8 0.22 -3.73 3.08
C TRP A 8 1.06 -4.62 3.99
N NH2 A 9 0.86 -4.50 5.28
HN1 NH2 A 9 0.15 -3.90 5.57
HN2 NH2 A 9 1.42 -5.02 5.88
C ACE A 1 -3.84 7.32 -0.17
O ACE A 1 -4.55 6.97 0.79
CH3 ACE A 1 -3.28 8.72 -0.26
H1 ACE A 1 -2.36 8.75 0.31
H2 ACE A 1 -3.97 9.42 0.18
H3 ACE A 1 -3.15 8.97 -1.30
N VAL A 2 -3.54 6.52 -1.17
CA VAL A 2 -4.01 5.15 -1.22
C VAL A 2 -2.83 4.16 -1.29
N CYS A 3 -2.28 3.88 -0.15
CA CYS A 3 -1.17 2.99 -0.04
C CYS A 3 -1.63 1.59 0.31
N SER A 4 -1.70 0.75 -0.67
CA SER A 4 -2.03 -0.61 -0.46
C SER A 4 -0.82 -1.46 -0.78
N GLU A 5 -0.36 -1.36 -2.02
CA GLU A 5 0.78 -2.14 -2.51
C GLU A 5 2.04 -1.91 -1.69
N LEU A 6 2.27 -0.67 -1.33
CA LEU A 6 3.46 -0.30 -0.56
C LEU A 6 3.22 -0.39 0.93
N CYS A 7 2.08 -0.83 1.30
CA CYS A 7 1.72 -0.90 2.69
C CYS A 7 1.36 -2.29 3.14
N TRP A 8 1.35 -3.16 2.21
CA TRP A 8 1.12 -4.56 2.48
C TRP A 8 2.40 -5.32 2.33
N NH2 A 9 2.81 -5.54 1.12
HN1 NH2 A 9 2.25 -5.22 0.38
HN2 NH2 A 9 3.64 -6.04 0.98
#